data_7HG5
#
_entry.id   7HG5
#
_cell.length_a   41.830
_cell.length_b   42.420
_cell.length_c   159.750
_cell.angle_alpha   90.00
_cell.angle_beta   90.00
_cell.angle_gamma   90.00
#
_symmetry.space_group_name_H-M   'P 21 21 21'
#
loop_
_entity.id
_entity.type
_entity.pdbx_description
1 polymer 'Hepatoma-derived growth factor-related protein 2'
2 non-polymer 'SULFATE ION'
3 non-polymer 1,2-ETHANEDIOL
4 non-polymer N-ethyl-2-fluoro-4-(methylsulfonyl)aniline
5 water water
#
_entity_poly.entity_id   1
_entity_poly.type   'polypeptide(L)'
_entity_poly.pdbx_seq_one_letter_code
;GMPHAFKPGDLVFAKMKGYPHWPARIDDIADGAVKPPPNKYPIFFFGTHETAFLGPKDLFPYDKSKDKYGKPNKRKGFNE
GLWEIQNNPHASYS
;
_entity_poly.pdbx_strand_id   A,B,C
#
loop_
_chem_comp.id
_chem_comp.type
_chem_comp.name
_chem_comp.formula
EDO non-polymer 1,2-ETHANEDIOL 'C2 H6 O2'
SO4 non-polymer 'SULFATE ION' 'O4 S -2'
WV4 non-polymer N-ethyl-2-fluoro-4-(methylsulfonyl)aniline 'C9 H12 F N O2 S'
#
# COMPACT_ATOMS: atom_id res chain seq x y z
N MET A 2 -13.70 13.78 -20.56
CA MET A 2 -12.75 14.82 -20.10
C MET A 2 -12.28 14.50 -18.68
N PRO A 3 -11.02 14.83 -18.31
CA PRO A 3 -10.49 14.55 -16.98
C PRO A 3 -11.13 15.27 -15.79
N HIS A 4 -11.06 14.64 -14.62
CA HIS A 4 -11.57 15.23 -13.39
C HIS A 4 -10.34 15.64 -12.60
N ALA A 5 -10.53 16.26 -11.43
CA ALA A 5 -9.44 16.39 -10.47
C ALA A 5 -9.01 15.00 -10.02
N PHE A 6 -7.80 14.93 -9.49
CA PHE A 6 -7.26 13.74 -8.86
C PHE A 6 -8.14 13.31 -7.67
N LYS A 7 -8.29 11.98 -7.50
CA LYS A 7 -9.08 11.43 -6.39
C LYS A 7 -8.31 10.23 -5.84
N PRO A 8 -8.54 9.84 -4.57
CA PRO A 8 -7.92 8.62 -4.03
C PRO A 8 -8.16 7.43 -4.95
N GLY A 9 -7.12 6.62 -5.11
CA GLY A 9 -7.13 5.43 -5.93
C GLY A 9 -6.60 5.67 -7.34
N ASP A 10 -6.51 6.94 -7.74
CA ASP A 10 -5.94 7.20 -9.07
C ASP A 10 -4.47 6.77 -9.16
N LEU A 11 -4.09 6.17 -10.31
CA LEU A 11 -2.72 5.67 -10.49
C LEU A 11 -1.95 6.69 -11.33
N VAL A 12 -0.65 6.87 -10.97
CA VAL A 12 0.13 7.95 -11.61
C VAL A 12 1.58 7.50 -11.69
N PHE A 13 2.37 8.24 -12.47
CA PHE A 13 3.77 8.35 -12.12
C PHE A 13 3.95 9.70 -11.44
N ALA A 14 4.72 9.72 -10.35
CA ALA A 14 4.91 10.93 -9.55
C ALA A 14 6.37 11.36 -9.63
N LYS A 15 6.60 12.68 -9.83
CA LYS A 15 7.97 13.19 -10.04
C LYS A 15 8.43 13.92 -8.78
N MET A 16 9.63 13.57 -8.33
CA MET A 16 10.33 14.38 -7.35
C MET A 16 11.74 14.63 -7.88
N LYS A 17 12.26 15.83 -7.59
CA LYS A 17 13.56 16.25 -8.08
C LYS A 17 14.61 15.21 -7.69
N GLY A 18 15.48 14.86 -8.65
CA GLY A 18 16.51 13.90 -8.35
C GLY A 18 16.04 12.45 -8.50
N TYR A 19 14.76 12.25 -8.82
CA TYR A 19 14.29 10.87 -8.91
C TYR A 19 13.57 10.73 -10.23
N PRO A 20 13.61 9.53 -10.84
CA PRO A 20 12.85 9.23 -12.08
C PRO A 20 11.36 9.28 -11.77
N HIS A 21 10.52 9.61 -12.76
CA HIS A 21 9.06 9.50 -12.63
C HIS A 21 8.74 8.12 -12.04
N TRP A 22 7.95 8.10 -10.92
CA TRP A 22 7.90 6.90 -10.08
C TRP A 22 6.49 6.33 -9.99
N PRO A 23 6.25 5.00 -10.15
CA PRO A 23 4.90 4.44 -10.02
C PRO A 23 4.31 4.72 -8.64
N ALA A 24 3.08 5.27 -8.61
CA ALA A 24 2.49 5.73 -7.34
C ALA A 24 0.97 5.77 -7.45
N ARG A 25 0.30 5.95 -6.30
CA ARG A 25 -1.14 6.16 -6.30
C ARG A 25 -1.49 7.34 -5.39
N ILE A 26 -2.62 7.97 -5.65
CA ILE A 26 -3.19 8.91 -4.68
C ILE A 26 -3.84 8.13 -3.54
N ASP A 27 -3.36 8.38 -2.33
CA ASP A 27 -3.90 7.71 -1.16
C ASP A 27 -5.11 8.45 -0.59
N ASP A 28 -5.88 7.69 0.21
CA ASP A 28 -6.88 8.26 1.08
C ASP A 28 -6.17 8.79 2.32
N ILE A 29 -6.88 9.57 3.13
CA ILE A 29 -6.31 9.95 4.42
C ILE A 29 -7.23 9.28 5.46
N ALA A 30 -6.64 8.43 6.32
CA ALA A 30 -7.34 7.74 7.40
C ALA A 30 -7.87 8.77 8.41
N ASP A 31 -8.99 8.42 9.03
CA ASP A 31 -9.45 9.17 10.21
C ASP A 31 -8.29 9.35 11.17
N GLY A 32 -8.13 10.59 11.64
CA GLY A 32 -7.14 10.95 12.66
C GLY A 32 -5.70 11.04 12.18
N ALA A 33 -5.47 10.76 10.89
CA ALA A 33 -4.12 10.84 10.33
C ALA A 33 -3.82 12.28 9.89
N VAL A 34 -2.51 12.55 9.77
CA VAL A 34 -2.00 13.84 9.31
C VAL A 34 -2.44 14.11 7.87
N LYS A 35 -3.03 15.29 7.68
CA LYS A 35 -3.55 15.73 6.39
C LYS A 35 -2.43 16.42 5.59
N PRO A 36 -2.53 16.46 4.24
CA PRO A 36 -1.49 17.12 3.44
C PRO A 36 -1.70 18.62 3.58
N PRO A 37 -0.69 19.43 3.18
CA PRO A 37 -0.90 20.87 3.03
C PRO A 37 -1.95 21.18 1.98
N PRO A 38 -2.52 22.41 1.96
CA PRO A 38 -3.40 22.82 0.86
C PRO A 38 -2.82 22.63 -0.53
N ASN A 39 -3.72 22.28 -1.47
CA ASN A 39 -3.43 22.04 -2.86
C ASN A 39 -2.46 20.87 -3.04
N LYS A 40 -2.17 20.10 -1.98
CA LYS A 40 -1.32 18.90 -2.13
C LYS A 40 -2.13 17.61 -1.91
N TYR A 41 -1.59 16.49 -2.46
CA TYR A 41 -2.21 15.18 -2.38
C TYR A 41 -1.26 14.20 -1.67
N PRO A 42 -1.79 13.21 -0.91
CA PRO A 42 -0.89 12.21 -0.30
C PRO A 42 -0.54 11.19 -1.38
N ILE A 43 0.74 11.08 -1.72
CA ILE A 43 1.19 10.17 -2.77
C ILE A 43 1.89 8.98 -2.10
N PHE A 44 1.39 7.77 -2.42
CA PHE A 44 2.01 6.54 -1.97
C PHE A 44 2.84 5.98 -3.12
N PHE A 45 4.16 5.83 -2.90
CA PHE A 45 5.05 5.36 -3.94
C PHE A 45 5.19 3.84 -3.87
N PHE A 46 4.83 3.16 -4.98
CA PHE A 46 4.99 1.70 -5.01
C PHE A 46 6.47 1.33 -4.87
N GLY A 47 6.71 0.17 -4.30
CA GLY A 47 8.07 -0.38 -4.21
C GLY A 47 8.72 0.08 -2.90
N THR A 48 8.94 1.39 -2.77
CA THR A 48 9.52 1.96 -1.56
C THR A 48 8.48 2.01 -0.45
N HIS A 49 7.18 2.13 -0.81
CA HIS A 49 6.06 2.26 0.11
C HIS A 49 6.18 3.56 0.92
N GLU A 50 6.83 4.59 0.36
CA GLU A 50 6.95 5.88 1.02
C GLU A 50 5.79 6.80 0.65
N THR A 51 5.54 7.78 1.52
CA THR A 51 4.49 8.76 1.25
C THR A 51 5.12 10.13 1.19
N ALA A 52 4.80 10.89 0.13
CA ALA A 52 5.14 12.31 0.10
C ALA A 52 3.94 13.11 -0.38
N PHE A 53 3.97 14.42 -0.15
CA PHE A 53 2.86 15.29 -0.46
C PHE A 53 3.21 16.08 -1.72
N LEU A 54 2.40 15.92 -2.78
CA LEU A 54 2.76 16.51 -4.07
C LEU A 54 1.53 17.17 -4.69
N GLY A 55 1.80 18.19 -5.55
CA GLY A 55 0.73 18.87 -6.29
C GLY A 55 0.62 18.31 -7.73
N PRO A 56 -0.48 18.63 -8.46
CA PRO A 56 -0.74 18.07 -9.80
C PRO A 56 0.37 18.25 -10.83
N LYS A 57 1.22 19.31 -10.64
CA LYS A 57 2.30 19.51 -11.61
C LYS A 57 3.29 18.34 -11.68
N ASP A 58 3.38 17.57 -10.57
CA ASP A 58 4.29 16.44 -10.47
C ASP A 58 3.58 15.09 -10.65
N LEU A 59 2.31 15.10 -11.10
CA LEU A 59 1.50 13.88 -11.15
C LEU A 59 1.10 13.63 -12.61
N PHE A 60 1.47 12.46 -13.17
CA PHE A 60 1.24 12.08 -14.55
C PHE A 60 0.33 10.85 -14.58
N PRO A 61 -0.91 10.93 -15.09
CA PRO A 61 -1.82 9.78 -15.09
C PRO A 61 -1.17 8.53 -15.71
N TYR A 62 -1.38 7.37 -15.05
CA TYR A 62 -0.57 6.19 -15.35
C TYR A 62 -0.80 5.66 -16.78
N ASP A 63 -2.06 5.61 -17.19
CA ASP A 63 -2.41 5.06 -18.50
C ASP A 63 -1.70 5.83 -19.61
N LYS A 64 -1.79 7.18 -19.58
CA LYS A 64 -1.18 8.04 -20.60
C LYS A 64 0.34 7.89 -20.64
N SER A 65 0.97 7.67 -19.48
CA SER A 65 2.42 7.84 -19.32
C SER A 65 3.24 6.54 -19.25
N LYS A 66 2.58 5.37 -19.20
CA LYS A 66 3.34 4.17 -18.85
C LYS A 66 4.32 3.73 -19.97
N ASP A 67 3.93 4.02 -21.22
N ASP A 67 3.95 3.98 -21.23
CA ASP A 67 4.80 3.73 -22.35
CA ASP A 67 4.87 3.73 -22.32
C ASP A 67 6.15 4.47 -22.20
C ASP A 67 6.20 4.41 -22.01
N LYS A 68 6.12 5.68 -21.63
CA LYS A 68 7.32 6.48 -21.47
C LYS A 68 8.05 6.13 -20.18
N TYR A 69 7.32 6.02 -19.05
CA TYR A 69 8.01 5.98 -17.77
C TYR A 69 8.03 4.57 -17.17
N GLY A 70 7.28 3.64 -17.73
CA GLY A 70 7.15 2.31 -17.12
C GLY A 70 8.20 1.34 -17.66
N LYS A 71 9.49 1.68 -17.45
CA LYS A 71 10.60 0.79 -17.80
C LYS A 71 11.47 0.58 -16.57
N PRO A 72 12.18 -0.59 -16.45
CA PRO A 72 13.05 -0.84 -15.29
C PRO A 72 14.06 0.28 -15.06
N ASN A 73 14.47 0.45 -13.80
CA ASN A 73 15.35 1.50 -13.33
C ASN A 73 16.15 0.89 -12.18
N LYS A 74 17.41 1.28 -12.09
CA LYS A 74 18.31 0.71 -11.10
C LYS A 74 17.95 1.18 -9.69
N ARG A 75 17.11 2.21 -9.56
CA ARG A 75 16.93 2.82 -8.25
C ARG A 75 16.20 1.86 -7.31
N LYS A 76 16.54 1.91 -6.02
CA LYS A 76 16.04 0.98 -5.02
C LYS A 76 14.50 1.02 -4.99
N GLY A 77 13.87 -0.16 -5.18
CA GLY A 77 12.43 -0.33 -5.02
C GLY A 77 11.64 -0.09 -6.29
N PHE A 78 12.29 0.45 -7.33
CA PHE A 78 11.59 0.88 -8.53
C PHE A 78 10.92 -0.29 -9.27
N ASN A 79 11.68 -1.37 -9.53
CA ASN A 79 11.14 -2.54 -10.23
C ASN A 79 10.02 -3.24 -9.44
N GLU A 80 10.15 -3.32 -8.10
CA GLU A 80 9.08 -3.82 -7.26
C GLU A 80 7.87 -2.91 -7.47
N GLY A 81 8.08 -1.59 -7.44
CA GLY A 81 7.00 -0.65 -7.73
C GLY A 81 6.28 -0.86 -9.05
N LEU A 82 7.00 -1.19 -10.13
CA LEU A 82 6.39 -1.44 -11.43
C LEU A 82 5.49 -2.66 -11.33
N TRP A 83 5.89 -3.66 -10.52
CA TRP A 83 5.05 -4.85 -10.44
C TRP A 83 3.76 -4.52 -9.71
N GLU A 84 3.86 -3.74 -8.62
CA GLU A 84 2.74 -3.40 -7.79
C GLU A 84 1.71 -2.62 -8.58
N ILE A 85 2.14 -1.61 -9.32
CA ILE A 85 1.16 -0.73 -9.97
C ILE A 85 0.44 -1.51 -11.09
N GLN A 86 1.14 -2.47 -11.73
CA GLN A 86 0.56 -3.32 -12.79
C GLN A 86 -0.36 -4.41 -12.24
N ASN A 87 0.01 -5.04 -11.10
CA ASN A 87 -0.59 -6.31 -10.68
C ASN A 87 -1.51 -6.20 -9.46
N ASN A 88 -1.26 -5.25 -8.54
CA ASN A 88 -2.12 -5.13 -7.37
C ASN A 88 -2.05 -3.69 -6.83
N PRO A 89 -2.48 -2.70 -7.64
CA PRO A 89 -2.26 -1.29 -7.28
C PRO A 89 -3.12 -0.80 -6.13
N HIS A 90 -4.17 -1.56 -5.76
CA HIS A 90 -5.05 -1.10 -4.69
C HIS A 90 -4.96 -1.91 -3.40
N ALA A 91 -3.89 -2.70 -3.27
CA ALA A 91 -3.75 -3.53 -2.06
C ALA A 91 -3.24 -2.70 -0.89
N SER A 92 -3.34 -3.30 0.31
CA SER A 92 -2.63 -2.79 1.48
C SER A 92 -1.17 -3.21 1.44
N TYR A 93 -0.26 -2.23 1.57
CA TYR A 93 1.17 -2.43 1.57
C TYR A 93 1.68 -2.06 2.96
N SER A 94 0.75 -1.90 3.91
CA SER A 94 1.04 -1.66 5.32
C SER A 94 1.74 -2.86 5.97
N MET B 2 -26.16 -0.11 37.06
CA MET B 2 -25.38 0.39 38.22
C MET B 2 -24.51 1.56 37.76
N PRO B 3 -24.67 2.79 38.35
CA PRO B 3 -23.85 3.94 37.99
C PRO B 3 -22.36 3.63 38.09
N HIS B 4 -21.57 4.21 37.16
CA HIS B 4 -20.13 4.10 37.20
C HIS B 4 -19.54 5.50 37.30
N ALA B 5 -18.21 5.57 37.42
CA ALA B 5 -17.47 6.82 37.50
C ALA B 5 -17.86 7.75 36.34
N PHE B 6 -17.95 7.17 35.14
CA PHE B 6 -18.38 7.89 33.95
C PHE B 6 -19.76 7.38 33.55
N LYS B 7 -20.63 8.27 33.11
CA LYS B 7 -21.97 7.83 32.74
C LYS B 7 -22.16 8.14 31.25
N PRO B 8 -23.07 7.44 30.54
CA PRO B 8 -23.46 7.83 29.18
C PRO B 8 -23.74 9.31 29.08
N GLY B 9 -23.15 9.94 28.05
CA GLY B 9 -23.32 11.37 27.79
C GLY B 9 -22.21 12.23 28.37
N ASP B 10 -21.36 11.68 29.25
CA ASP B 10 -20.26 12.49 29.76
C ASP B 10 -19.29 12.80 28.60
N LEU B 11 -18.78 14.01 28.61
CA LEU B 11 -17.88 14.49 27.55
C LEU B 11 -16.45 14.36 28.04
N VAL B 12 -15.54 13.93 27.13
CA VAL B 12 -14.16 13.64 27.53
C VAL B 12 -13.22 14.00 26.37
N PHE B 13 -11.91 14.03 26.65
CA PHE B 13 -10.92 13.74 25.62
C PHE B 13 -10.45 12.30 25.82
N ALA B 14 -10.38 11.52 24.72
CA ALA B 14 -10.03 10.12 24.79
C ALA B 14 -8.70 9.90 24.09
N LYS B 15 -7.81 9.12 24.73
CA LYS B 15 -6.46 8.93 24.17
C LYS B 15 -6.29 7.52 23.62
N MET B 16 -5.93 7.48 22.33
CA MET B 16 -5.57 6.25 21.62
C MET B 16 -4.11 6.37 21.19
N LYS B 17 -3.37 5.25 21.17
CA LYS B 17 -1.95 5.35 20.82
C LYS B 17 -1.85 5.80 19.35
N GLY B 18 -0.96 6.75 19.08
CA GLY B 18 -0.74 7.28 17.75
C GLY B 18 -1.57 8.52 17.44
N TYR B 19 -2.44 8.93 18.37
CA TYR B 19 -3.36 10.01 18.08
C TYR B 19 -3.32 11.01 19.22
N PRO B 20 -3.58 12.32 19.03
CA PRO B 20 -3.68 13.25 20.16
C PRO B 20 -4.97 12.99 20.96
N HIS B 21 -4.96 13.42 22.22
CA HIS B 21 -6.20 13.36 23.03
C HIS B 21 -7.38 13.91 22.20
N TRP B 22 -8.48 13.14 22.14
CA TRP B 22 -9.43 13.42 21.06
C TRP B 22 -10.81 13.72 21.66
N PRO B 23 -11.54 14.77 21.19
CA PRO B 23 -12.88 15.07 21.75
C PRO B 23 -13.84 13.91 21.54
N ALA B 24 -14.56 13.50 22.60
CA ALA B 24 -15.30 12.25 22.52
C ALA B 24 -16.39 12.25 23.60
N ARG B 25 -17.23 11.21 23.55
CA ARG B 25 -18.27 11.06 24.58
C ARG B 25 -18.35 9.61 24.98
N ILE B 26 -18.89 9.38 26.19
CA ILE B 26 -19.23 8.04 26.63
C ILE B 26 -20.60 7.72 26.04
N ASP B 27 -20.68 6.59 25.34
CA ASP B 27 -21.94 6.15 24.73
C ASP B 27 -22.69 5.21 25.67
N ASP B 28 -23.98 5.00 25.34
N ASP B 28 -23.98 4.97 25.36
CA ASP B 28 -24.85 3.97 25.88
CA ASP B 28 -24.78 3.96 26.04
C ASP B 28 -24.44 2.61 25.31
C ASP B 28 -24.81 2.71 25.18
N ILE B 29 -25.09 1.55 25.80
CA ILE B 29 -25.16 0.27 25.11
C ILE B 29 -26.64 -0.07 24.89
N VAL B 34 -22.45 -6.43 21.49
CA VAL B 34 -21.16 -6.61 22.22
C VAL B 34 -21.20 -5.72 23.46
N LYS B 35 -20.61 -6.22 24.56
CA LYS B 35 -20.39 -5.41 25.75
C LYS B 35 -18.91 -5.02 25.81
N PRO B 36 -18.53 -3.89 26.47
CA PRO B 36 -17.11 -3.56 26.64
C PRO B 36 -16.39 -4.71 27.33
N PRO B 37 -15.07 -4.92 27.13
CA PRO B 37 -14.31 -5.79 28.01
C PRO B 37 -14.44 -5.17 29.40
N PRO B 38 -14.21 -5.94 30.49
CA PRO B 38 -14.37 -5.40 31.85
C PRO B 38 -13.53 -4.12 32.02
N ASN B 39 -14.11 -3.13 32.72
CA ASN B 39 -13.39 -1.92 33.13
C ASN B 39 -13.37 -0.85 32.02
N LYS B 40 -13.99 -1.12 30.87
CA LYS B 40 -13.88 -0.23 29.73
C LYS B 40 -15.25 0.34 29.36
N TYR B 41 -15.22 1.46 28.64
CA TYR B 41 -16.45 2.18 28.30
C TYR B 41 -16.57 2.23 26.77
N PRO B 42 -17.79 2.29 26.19
CA PRO B 42 -17.89 2.57 24.76
C PRO B 42 -17.69 4.06 24.53
N ILE B 43 -16.70 4.39 23.69
CA ILE B 43 -16.36 5.75 23.32
C ILE B 43 -16.82 6.00 21.87
N PHE B 44 -17.44 7.15 21.67
CA PHE B 44 -17.69 7.77 20.37
C PHE B 44 -16.74 8.95 20.19
N PHE B 45 -15.94 8.95 19.08
CA PHE B 45 -15.04 10.03 18.73
C PHE B 45 -15.73 11.03 17.83
N PHE B 46 -15.81 12.27 18.36
CA PHE B 46 -16.34 13.38 17.57
C PHE B 46 -15.52 13.58 16.26
N GLY B 47 -16.17 14.06 15.21
CA GLY B 47 -15.44 14.44 13.99
C GLY B 47 -15.24 13.23 13.06
N THR B 48 -14.53 12.20 13.54
CA THR B 48 -14.29 10.97 12.81
C THR B 48 -15.50 10.03 12.90
N HIS B 49 -16.28 10.17 13.98
CA HIS B 49 -17.40 9.29 14.28
C HIS B 49 -16.97 7.83 14.44
N GLU B 50 -15.69 7.58 14.81
CA GLU B 50 -15.19 6.26 15.14
C GLU B 50 -15.70 5.85 16.54
N THR B 51 -15.67 4.54 16.80
CA THR B 51 -16.03 4.02 18.11
C THR B 51 -14.91 3.10 18.57
N ALA B 52 -14.64 3.07 19.89
CA ALA B 52 -13.73 2.09 20.44
C ALA B 52 -14.06 1.86 21.92
N PHE B 53 -13.45 0.82 22.53
CA PHE B 53 -13.57 0.71 23.97
C PHE B 53 -12.28 1.17 24.64
N LEU B 54 -12.41 2.06 25.64
CA LEU B 54 -11.25 2.51 26.39
C LEU B 54 -11.55 2.40 27.89
N GLY B 55 -10.46 2.26 28.67
CA GLY B 55 -10.47 2.31 30.13
C GLY B 55 -10.24 3.72 30.65
N PRO B 56 -10.53 3.99 31.95
CA PRO B 56 -10.36 5.33 32.54
C PRO B 56 -8.99 5.99 32.47
N LYS B 57 -7.89 5.21 32.38
CA LYS B 57 -6.58 5.84 32.28
C LYS B 57 -6.46 6.68 31.00
N ASP B 58 -7.31 6.37 30.00
CA ASP B 58 -7.27 7.04 28.72
C ASP B 58 -8.42 8.05 28.57
N LEU B 59 -9.18 8.32 29.65
CA LEU B 59 -10.35 9.22 29.53
C LEU B 59 -10.15 10.42 30.44
N PHE B 60 -10.21 11.61 29.85
CA PHE B 60 -9.94 12.87 30.52
C PHE B 60 -11.20 13.71 30.52
N PRO B 61 -11.89 13.93 31.67
CA PRO B 61 -13.07 14.81 31.65
C PRO B 61 -12.90 16.12 30.87
N TYR B 62 -13.92 16.43 30.01
CA TYR B 62 -13.79 17.51 29.05
C TYR B 62 -13.60 18.90 29.66
N ASP B 63 -14.44 19.25 30.65
CA ASP B 63 -14.36 20.57 31.28
C ASP B 63 -12.99 20.84 31.88
N LYS B 64 -12.51 19.92 32.72
CA LYS B 64 -11.21 20.03 33.36
C LYS B 64 -10.10 20.14 32.30
N SER B 65 -10.30 19.50 31.15
CA SER B 65 -9.15 19.26 30.26
C SER B 65 -9.19 20.04 28.94
N LYS B 66 -10.26 20.81 28.70
CA LYS B 66 -10.40 21.41 27.38
C LYS B 66 -9.36 22.48 27.07
N ASP B 67 -8.90 23.24 28.07
CA ASP B 67 -7.96 24.29 27.69
C ASP B 67 -6.64 23.66 27.23
N LYS B 68 -6.29 22.52 27.83
CA LYS B 68 -5.03 21.85 27.50
C LYS B 68 -5.11 21.10 26.16
N TYR B 69 -6.18 20.33 25.96
CA TYR B 69 -6.28 19.40 24.83
C TYR B 69 -7.15 19.96 23.72
N GLY B 70 -7.92 21.03 23.98
CA GLY B 70 -8.95 21.45 23.03
C GLY B 70 -8.45 22.44 21.96
N LYS B 71 -7.24 22.21 21.46
CA LYS B 71 -6.64 23.14 20.52
C LYS B 71 -6.71 22.54 19.13
N PRO B 72 -7.03 23.34 18.09
CA PRO B 72 -6.96 22.81 16.73
C PRO B 72 -5.62 22.18 16.35
N ASN B 73 -5.68 21.13 15.52
CA ASN B 73 -4.48 20.57 14.89
C ASN B 73 -4.84 20.13 13.45
N LYS B 74 -3.92 19.39 12.82
CA LYS B 74 -4.06 19.01 11.41
C LYS B 74 -4.38 17.50 11.24
N ARG B 75 -4.91 16.84 12.27
CA ARG B 75 -5.34 15.46 12.11
C ARG B 75 -6.73 15.50 11.47
N LYS B 76 -6.98 14.59 10.52
CA LYS B 76 -8.27 14.50 9.86
C LYS B 76 -9.39 14.21 10.87
N GLY B 77 -10.36 15.13 10.88
CA GLY B 77 -11.59 15.03 11.67
C GLY B 77 -11.54 15.77 13.00
N PHE B 78 -10.36 16.25 13.40
CA PHE B 78 -10.20 16.81 14.73
C PHE B 78 -10.95 18.12 14.88
N ASN B 79 -10.83 19.03 13.91
CA ASN B 79 -11.45 20.33 14.06
C ASN B 79 -12.98 20.21 13.98
N GLU B 80 -13.44 19.26 13.16
CA GLU B 80 -14.86 18.97 13.10
C GLU B 80 -15.31 18.45 14.46
N GLY B 81 -14.47 17.59 15.07
CA GLY B 81 -14.79 16.96 16.36
C GLY B 81 -14.91 18.02 17.46
N LEU B 82 -14.04 19.05 17.38
CA LEU B 82 -14.13 20.17 18.32
C LEU B 82 -15.45 20.91 18.14
N TRP B 83 -15.85 21.12 16.89
CA TRP B 83 -17.12 21.78 16.61
C TRP B 83 -18.28 21.00 17.25
N GLU B 84 -18.28 19.68 17.04
CA GLU B 84 -19.35 18.82 17.51
C GLU B 84 -19.44 18.83 19.04
N ILE B 85 -18.31 18.67 19.72
CA ILE B 85 -18.37 18.58 21.19
C ILE B 85 -18.90 19.87 21.84
N GLN B 86 -18.61 21.02 21.22
CA GLN B 86 -19.01 22.35 21.64
C GLN B 86 -20.49 22.62 21.30
N ASN B 87 -20.94 22.15 20.15
CA ASN B 87 -22.20 22.68 19.64
C ASN B 87 -23.34 21.66 19.65
N ASN B 88 -23.04 20.38 19.58
CA ASN B 88 -24.12 19.41 19.58
C ASN B 88 -23.59 18.04 20.01
N PRO B 89 -23.07 17.96 21.27
CA PRO B 89 -22.39 16.76 21.73
C PRO B 89 -23.29 15.54 21.83
N HIS B 90 -24.64 15.76 21.95
CA HIS B 90 -25.54 14.65 22.22
C HIS B 90 -26.33 14.17 21.00
N ALA B 91 -26.03 14.71 19.82
CA ALA B 91 -26.75 14.31 18.60
C ALA B 91 -26.52 12.86 18.20
N SER B 92 -27.47 12.34 17.40
CA SER B 92 -27.24 11.16 16.58
C SER B 92 -26.31 11.52 15.41
N TYR B 93 -25.20 10.76 15.31
CA TYR B 93 -24.26 10.82 14.21
C TYR B 93 -24.35 9.51 13.43
N SER B 94 -25.54 8.91 13.45
CA SER B 94 -25.83 7.71 12.66
C SER B 94 -25.94 8.10 11.18
N HIS C 4 4.82 -32.25 -18.47
CA HIS C 4 4.32 -31.20 -19.41
C HIS C 4 4.96 -31.41 -20.78
N ALA C 5 5.36 -30.30 -21.43
CA ALA C 5 5.70 -30.28 -22.85
C ALA C 5 6.31 -28.92 -23.21
N PHE C 6 7.63 -28.80 -23.07
CA PHE C 6 8.25 -27.49 -23.23
C PHE C 6 8.90 -27.44 -24.61
N LYS C 7 8.66 -26.31 -25.30
CA LYS C 7 9.23 -26.02 -26.61
C LYS C 7 9.92 -24.67 -26.49
N PRO C 8 10.90 -24.31 -27.36
CA PRO C 8 11.54 -23.00 -27.28
C PRO C 8 10.49 -21.89 -27.30
N GLY C 9 10.75 -20.84 -26.51
CA GLY C 9 9.91 -19.65 -26.49
C GLY C 9 8.97 -19.62 -25.29
N ASP C 10 8.56 -20.81 -24.82
CA ASP C 10 7.65 -21.01 -23.72
C ASP C 10 8.18 -20.29 -22.46
N LEU C 11 7.27 -19.57 -21.79
CA LEU C 11 7.56 -18.86 -20.54
C LEU C 11 7.31 -19.77 -19.33
N VAL C 12 8.25 -19.76 -18.34
CA VAL C 12 8.17 -20.70 -17.24
C VAL C 12 8.60 -19.98 -15.95
N PHE C 13 8.34 -20.62 -14.80
CA PHE C 13 9.18 -20.40 -13.62
C PHE C 13 10.19 -21.56 -13.54
N ALA C 14 11.48 -21.22 -13.38
CA ALA C 14 12.49 -22.26 -13.33
C ALA C 14 13.11 -22.29 -11.95
N LYS C 15 13.25 -23.51 -11.41
CA LYS C 15 13.76 -23.70 -10.05
C LYS C 15 15.15 -24.30 -10.07
N MET C 16 16.13 -23.53 -9.59
CA MET C 16 17.48 -24.00 -9.33
C MET C 16 17.73 -24.05 -7.83
N LYS C 17 18.60 -24.98 -7.40
CA LYS C 17 18.96 -25.07 -6.00
C LYS C 17 19.59 -23.74 -5.59
N GLY C 18 19.05 -23.17 -4.52
CA GLY C 18 19.70 -22.01 -3.93
C GLY C 18 18.98 -20.72 -4.32
N TYR C 19 17.90 -20.84 -5.12
CA TYR C 19 17.20 -19.66 -5.64
C TYR C 19 15.71 -19.92 -5.65
N PRO C 20 14.90 -18.84 -5.53
CA PRO C 20 13.44 -18.97 -5.62
C PRO C 20 13.06 -19.31 -7.06
N HIS C 21 11.83 -19.82 -7.22
CA HIS C 21 11.28 -20.06 -8.55
C HIS C 21 11.40 -18.77 -9.33
N TRP C 22 12.03 -18.85 -10.52
CA TRP C 22 12.51 -17.65 -11.19
C TRP C 22 11.88 -17.44 -12.56
N PRO C 23 11.44 -16.22 -12.95
CA PRO C 23 10.86 -16.04 -14.29
C PRO C 23 11.89 -16.32 -15.38
N ALA C 24 11.50 -17.18 -16.35
CA ALA C 24 12.48 -17.64 -17.33
C ALA C 24 11.79 -18.00 -18.64
N ARG C 25 12.60 -18.34 -19.66
CA ARG C 25 12.02 -18.92 -20.87
C ARG C 25 12.89 -20.07 -21.38
N ILE C 26 12.26 -21.03 -22.07
CA ILE C 26 12.96 -22.11 -22.76
C ILE C 26 13.71 -21.51 -23.95
N ASP C 27 15.02 -21.74 -24.02
CA ASP C 27 15.81 -21.28 -25.16
C ASP C 27 15.82 -22.35 -26.24
N ASP C 28 16.38 -21.96 -27.41
CA ASP C 28 16.75 -22.90 -28.44
C ASP C 28 18.27 -22.99 -28.46
N ILE C 29 18.79 -24.21 -28.67
CA ILE C 29 20.22 -24.47 -28.75
C ILE C 29 20.65 -24.26 -30.20
N ALA C 33 26.05 -26.37 -31.46
CA ALA C 33 26.26 -26.12 -30.02
C ALA C 33 26.60 -27.43 -29.31
N VAL C 34 27.12 -27.30 -28.08
CA VAL C 34 27.19 -28.40 -27.12
C VAL C 34 25.76 -28.77 -26.75
N LYS C 35 25.51 -30.09 -26.69
CA LYS C 35 24.19 -30.61 -26.41
C LYS C 35 23.91 -30.45 -24.92
N PRO C 36 22.62 -30.34 -24.51
CA PRO C 36 22.27 -30.36 -23.09
C PRO C 36 22.73 -31.72 -22.55
N PRO C 37 22.93 -31.85 -21.23
CA PRO C 37 23.00 -33.17 -20.61
C PRO C 37 21.68 -33.82 -21.00
N PRO C 38 21.60 -35.17 -20.99
CA PRO C 38 20.36 -35.85 -21.39
C PRO C 38 19.17 -35.32 -20.61
N ASN C 39 18.09 -35.07 -21.37
CA ASN C 39 16.78 -34.74 -20.85
C ASN C 39 16.81 -33.41 -20.08
N LYS C 40 17.67 -32.47 -20.50
CA LYS C 40 17.64 -31.13 -19.91
C LYS C 40 17.30 -30.11 -20.99
N TYR C 41 16.66 -29.00 -20.59
CA TYR C 41 16.31 -27.90 -21.48
C TYR C 41 17.26 -26.74 -21.23
N PRO C 42 17.62 -25.92 -22.27
CA PRO C 42 18.41 -24.69 -22.11
C PRO C 42 17.46 -23.62 -21.59
N ILE C 43 17.84 -22.98 -20.47
CA ILE C 43 16.92 -22.01 -19.87
C ILE C 43 17.62 -20.64 -19.91
N PHE C 44 16.83 -19.57 -20.19
CA PHE C 44 17.35 -18.21 -20.05
C PHE C 44 16.53 -17.55 -18.95
N PHE C 45 17.23 -16.91 -18.00
CA PHE C 45 16.59 -16.39 -16.79
C PHE C 45 16.43 -14.89 -16.98
N PHE C 46 15.17 -14.40 -16.90
CA PHE C 46 14.96 -12.96 -17.04
C PHE C 46 15.55 -12.23 -15.84
N GLY C 47 15.82 -10.94 -16.05
CA GLY C 47 16.43 -10.13 -15.00
C GLY C 47 17.94 -10.33 -14.94
N THR C 48 18.40 -11.54 -14.59
CA THR C 48 19.82 -11.81 -14.52
C THR C 48 20.40 -12.01 -15.92
N HIS C 49 19.59 -12.50 -16.87
CA HIS C 49 20.00 -12.82 -18.25
C HIS C 49 21.03 -13.95 -18.28
N GLU C 50 21.06 -14.79 -17.24
CA GLU C 50 21.91 -15.98 -17.23
C GLU C 50 21.24 -17.17 -17.94
N THR C 51 22.04 -18.18 -18.29
CA THR C 51 21.51 -19.40 -18.89
C THR C 51 22.00 -20.58 -18.06
N ALA C 52 21.19 -21.65 -17.98
CA ALA C 52 21.57 -22.94 -17.40
C ALA C 52 20.77 -24.04 -18.08
N PHE C 53 21.08 -25.30 -17.76
CA PHE C 53 20.25 -26.41 -18.22
C PHE C 53 19.47 -26.97 -17.05
N LEU C 54 18.17 -27.20 -17.24
CA LEU C 54 17.32 -27.74 -16.19
C LEU C 54 16.43 -28.84 -16.76
N GLY C 55 16.06 -29.79 -15.89
CA GLY C 55 15.18 -30.88 -16.26
C GLY C 55 13.72 -30.49 -16.03
N PRO C 56 12.74 -31.21 -16.63
CA PRO C 56 11.36 -30.74 -16.64
C PRO C 56 10.72 -30.64 -15.25
N LYS C 57 11.23 -31.40 -14.26
CA LYS C 57 10.65 -31.30 -12.93
C LYS C 57 10.87 -29.90 -12.36
N ASP C 58 11.90 -29.21 -12.88
CA ASP C 58 12.29 -27.93 -12.32
C ASP C 58 11.55 -26.78 -12.97
N LEU C 59 10.59 -27.07 -13.88
CA LEU C 59 10.00 -26.05 -14.74
C LEU C 59 8.49 -26.00 -14.56
N PHE C 60 7.91 -24.78 -14.62
CA PHE C 60 6.49 -24.55 -14.39
C PHE C 60 5.96 -23.53 -15.41
N PRO C 61 4.92 -23.85 -16.22
CA PRO C 61 4.44 -22.92 -17.24
C PRO C 61 4.03 -21.61 -16.56
N TYR C 62 4.40 -20.48 -17.20
CA TYR C 62 4.26 -19.16 -16.60
C TYR C 62 2.79 -18.90 -16.29
N ASP C 63 1.95 -19.06 -17.32
CA ASP C 63 0.53 -18.74 -17.18
C ASP C 63 -0.09 -19.48 -16.00
N LYS C 64 0.17 -20.78 -15.90
CA LYS C 64 -0.46 -21.62 -14.89
C LYS C 64 -0.01 -21.25 -13.48
N SER C 65 1.25 -20.74 -13.33
CA SER C 65 1.82 -20.64 -11.99
C SER C 65 2.14 -19.21 -11.56
N LYS C 66 1.92 -18.20 -12.40
CA LYS C 66 2.30 -16.84 -12.01
C LYS C 66 1.56 -16.41 -10.74
N ASP C 67 0.31 -16.88 -10.55
CA ASP C 67 -0.44 -16.40 -9.40
C ASP C 67 0.37 -16.71 -8.13
N LYS C 68 1.17 -17.79 -8.18
CA LYS C 68 1.89 -18.27 -7.01
C LYS C 68 3.33 -17.74 -6.96
N TYR C 69 4.03 -17.79 -8.11
CA TYR C 69 5.46 -17.43 -8.14
C TYR C 69 5.69 -16.01 -8.63
N GLY C 70 4.69 -15.37 -9.29
CA GLY C 70 4.93 -14.08 -9.91
C GLY C 70 4.63 -12.99 -8.88
N LYS C 71 5.55 -12.80 -7.96
CA LYS C 71 5.41 -11.82 -6.89
C LYS C 71 6.82 -11.38 -6.54
N PRO C 72 6.99 -10.15 -6.04
CA PRO C 72 8.34 -9.65 -5.82
C PRO C 72 9.11 -10.39 -4.73
N ASN C 73 10.43 -10.33 -4.90
CA ASN C 73 11.33 -10.58 -3.79
C ASN C 73 12.64 -9.85 -4.04
N LYS C 74 13.49 -9.88 -3.02
CA LYS C 74 14.60 -8.96 -2.99
C LYS C 74 15.82 -9.59 -3.64
N ARG C 75 15.67 -10.83 -4.14
CA ARG C 75 16.85 -11.46 -4.75
C ARG C 75 17.32 -10.68 -5.98
N LYS C 76 18.64 -10.68 -6.21
CA LYS C 76 19.26 -9.86 -7.24
C LYS C 76 18.66 -10.19 -8.59
N GLY C 77 18.01 -9.16 -9.20
CA GLY C 77 17.60 -9.21 -10.60
C GLY C 77 16.15 -9.74 -10.74
N PHE C 78 15.54 -10.15 -9.63
CA PHE C 78 14.27 -10.84 -9.66
C PHE C 78 13.21 -9.89 -10.20
N ASN C 79 13.14 -8.71 -9.59
CA ASN C 79 12.00 -7.84 -9.90
C ASN C 79 12.07 -7.32 -11.34
N GLU C 80 13.28 -7.05 -11.80
CA GLU C 80 13.42 -6.75 -13.22
C GLU C 80 12.97 -7.94 -14.08
N GLY C 81 13.32 -9.18 -13.67
CA GLY C 81 12.87 -10.36 -14.39
C GLY C 81 11.34 -10.44 -14.49
N LEU C 82 10.63 -10.17 -13.37
CA LEU C 82 9.17 -10.10 -13.35
C LEU C 82 8.66 -9.12 -14.41
N TRP C 83 9.33 -7.96 -14.56
CA TRP C 83 8.92 -6.95 -15.53
C TRP C 83 9.10 -7.49 -16.96
N GLU C 84 10.25 -8.15 -17.22
CA GLU C 84 10.53 -8.73 -18.53
C GLU C 84 9.51 -9.80 -18.94
N ILE C 85 9.25 -10.80 -18.07
CA ILE C 85 8.37 -11.90 -18.43
C ILE C 85 6.98 -11.38 -18.78
N GLN C 86 6.55 -10.31 -18.10
CA GLN C 86 5.17 -9.85 -18.28
C GLN C 86 5.06 -8.88 -19.44
N ASN C 87 6.13 -8.11 -19.70
CA ASN C 87 6.04 -6.93 -20.56
C ASN C 87 6.86 -7.08 -21.84
N ASN C 88 7.97 -7.82 -21.80
CA ASN C 88 8.88 -7.89 -22.94
C ASN C 88 9.54 -9.26 -23.04
N PRO C 89 8.75 -10.36 -23.07
CA PRO C 89 9.29 -11.71 -22.88
C PRO C 89 10.06 -12.36 -24.02
N HIS C 90 9.94 -11.80 -25.23
CA HIS C 90 10.53 -12.39 -26.42
C HIS C 90 11.62 -11.50 -27.01
N ALA C 91 12.19 -10.61 -26.20
CA ALA C 91 13.26 -9.72 -26.64
C ALA C 91 14.63 -10.36 -26.43
N SER C 92 15.66 -9.76 -27.04
CA SER C 92 16.99 -10.34 -27.18
C SER C 92 17.79 -10.32 -25.87
N TYR C 93 18.03 -9.10 -25.36
CA TYR C 93 18.86 -8.84 -24.19
C TYR C 93 20.31 -9.27 -24.45
S SO4 D . 19.74 4.10 -4.91
O1 SO4 D . 19.78 3.48 -3.60
O2 SO4 D . 18.56 4.90 -5.03
O3 SO4 D . 20.91 4.93 -5.07
O4 SO4 D . 19.74 3.08 -5.92
S SO4 E . 15.98 15.50 -12.15
O1 SO4 E . 15.29 16.53 -11.43
O2 SO4 E . 15.53 15.48 -13.52
O3 SO4 E . 17.39 15.73 -12.11
O4 SO4 E . 15.69 14.21 -11.55
C1 EDO F . -0.23 1.32 1.79
O1 EDO F . -1.34 0.43 1.95
C2 EDO F . -0.58 2.67 2.32
O2 EDO F . -1.40 3.42 1.41
S SO4 G . 13.77 -3.29 -7.01
O1 SO4 G . 12.62 -3.42 -6.18
O2 SO4 G . 14.85 -2.71 -6.23
O3 SO4 G . 14.16 -4.61 -7.50
O4 SO4 G . 13.48 -2.43 -8.12
S SO4 H . -11.33 18.64 9.91
O1 SO4 H . -12.09 18.10 11.03
O2 SO4 H . -10.30 19.54 10.38
O3 SO4 H . -10.71 17.58 9.13
O4 SO4 H . -12.28 19.37 9.09
S SO4 I . 1.47 8.58 20.96
O1 SO4 I . 0.79 7.39 21.40
O2 SO4 I . 2.77 8.66 21.59
O3 SO4 I . 1.63 8.53 19.53
O4 SO4 I . 0.70 9.75 21.31
C4 WV4 J . -9.08 6.39 14.68
C5 WV4 J . -9.15 5.02 14.52
C6 WV4 J . -9.94 4.24 15.38
C7 WV4 J . -8.70 9.17 17.16
C8 WV4 J . -9.44 2.15 14.04
C9 WV4 J . -10.47 1.37 13.25
N1 WV4 J . -10.07 2.89 15.18
C3 WV4 J . -9.78 7.00 15.71
C1 WV4 J . -10.61 4.90 16.40
C2 WV4 J . -10.55 6.26 16.60
F1 WV4 J . -11.38 4.15 17.24
O1 WV4 J . -9.18 9.28 14.61
O2 WV4 J . -11.10 9.23 16.14
S1 WV4 J . -9.76 8.76 15.83
S SO4 K . 15.31 -26.02 -1.74
O1 SO4 K . 14.13 -26.85 -1.66
O2 SO4 K . 14.97 -24.68 -1.33
O3 SO4 K . 16.34 -26.53 -0.88
O4 SO4 K . 15.77 -26.01 -3.10
C4 WV4 L . 21.93 -17.68 -10.92
C5 WV4 L . 23.06 -18.38 -11.29
C6 WV4 L . 23.10 -19.11 -12.48
C7 WV4 L . 18.23 -18.07 -10.77
C8 WV4 L . 25.47 -19.81 -12.23
C9 WV4 L . 26.37 -18.98 -13.10
N1 WV4 L . 24.19 -19.83 -12.91
C3 WV4 L . 20.82 -17.71 -11.76
C1 WV4 L . 21.97 -19.08 -13.29
C2 WV4 L . 20.83 -18.41 -12.96
F1 WV4 L . 22.02 -19.76 -14.45
O1 WV4 L . 18.84 -16.24 -12.53
O2 WV4 L . 19.66 -15.97 -10.21
S1 WV4 L . 19.35 -16.83 -11.32
#